data_8K8C
#
_entry.id   8K8C
#
_cell.length_a   39.382
_cell.length_b   63.366
_cell.length_c   128.546
_cell.angle_alpha   90.00
_cell.angle_beta   90.00
_cell.angle_gamma   90.00
#
_symmetry.space_group_name_H-M   'P 21 21 21'
#
loop_
_entity.id
_entity.type
_entity.pdbx_description
1 polymer 'CCAAT/enhancer-binding protein alpha'
2 polymer "DNA (5'-D(*CP*AP*TP*TP*AP*CP*GP*TP*AP*AP*TP*GP*A)-3')"
3 polymer "DNA (5'-D(*CP*AP*TP*TP*AP*CP*GP*TP*AP*AP*TP*GP*T)-3')"
4 non-polymer GLYCEROL
5 water water
#
loop_
_entity_poly.entity_id
_entity_poly.type
_entity_poly.pdbx_seq_one_letter_code
_entity_poly.pdbx_strand_id
1 'polypeptide(L)' GNSNEYRVRRERNNIAVRKSRDKAKQRNVETQQKVLELTSDNDRLRKRVEQLSRELDTLRG A,B
2 'polydeoxyribonucleotide' (DC)(DA)(DT)(DT)(DA)(DC)(DG)(DT)(DA)(DA)(DT)(DG)(DA) C
3 'polydeoxyribonucleotide' (DC)(DA)(DT)(DT)(DA)(DC)(DG)(DT)(DA)(DA)(DT)(DG)(DT) D
#
loop_
_chem_comp.id
_chem_comp.type
_chem_comp.name
_chem_comp.formula
DA DNA linking 2'-DEOXYADENOSINE-5'-MONOPHOSPHATE 'C10 H14 N5 O6 P'
DC DNA linking 2'-DEOXYCYTIDINE-5'-MONOPHOSPHATE 'C9 H14 N3 O7 P'
DG DNA linking 2'-DEOXYGUANOSINE-5'-MONOPHOSPHATE 'C10 H14 N5 O7 P'
DT DNA linking THYMIDINE-5'-MONOPHOSPHATE 'C10 H15 N2 O8 P'
GOL non-polymer GLYCEROL 'C3 H8 O3'
#
# COMPACT_ATOMS: atom_id res chain seq x y z
N ASN A 2 -33.29 -12.47 -27.59
CA ASN A 2 -32.60 -12.95 -28.79
C ASN A 2 -32.14 -14.40 -28.66
N SER A 3 -31.64 -14.94 -29.76
CA SER A 3 -31.24 -16.34 -29.78
C SER A 3 -29.94 -16.54 -29.00
N ASN A 4 -29.78 -17.76 -28.46
CA ASN A 4 -28.51 -18.17 -27.86
C ASN A 4 -28.06 -17.19 -26.78
N GLU A 5 -28.98 -16.91 -25.84
CA GLU A 5 -28.70 -16.01 -24.74
C GLU A 5 -27.52 -16.50 -23.90
N TYR A 6 -27.28 -17.81 -23.84
CA TYR A 6 -26.18 -18.31 -23.03
C TYR A 6 -24.85 -17.75 -23.52
N ARG A 7 -24.65 -17.75 -24.85
CA ARG A 7 -23.40 -17.23 -25.40
C ARG A 7 -23.30 -15.72 -25.29
N VAL A 8 -24.42 -15.02 -25.42
CA VAL A 8 -24.43 -13.57 -25.18
C VAL A 8 -23.93 -13.26 -23.78
N ARG A 9 -24.50 -13.93 -22.77
CA ARG A 9 -24.10 -13.67 -21.39
C ARG A 9 -22.64 -14.06 -21.16
N ARG A 10 -22.20 -15.21 -21.71
CA ARG A 10 -20.80 -15.63 -21.54
C ARG A 10 -19.86 -14.62 -22.18
N GLU A 11 -20.18 -14.20 -23.38
CA GLU A 11 -19.31 -13.24 -24.07
C GLU A 11 -19.19 -11.95 -23.25
N ARG A 12 -20.30 -11.49 -22.67
CA ARG A 12 -20.27 -10.25 -21.90
C ARG A 12 -19.55 -10.45 -20.57
N ASN A 13 -19.78 -11.60 -19.93
CA ASN A 13 -19.08 -11.84 -18.68
C ASN A 13 -17.57 -11.98 -18.89
N ASN A 14 -17.13 -12.63 -19.98
CA ASN A 14 -15.69 -12.73 -20.23
C ASN A 14 -15.08 -11.35 -20.38
N ILE A 15 -15.84 -10.39 -20.91
CA ILE A 15 -15.39 -9.00 -20.94
C ILE A 15 -15.30 -8.43 -19.53
N ALA A 16 -16.32 -8.65 -18.70
CA ALA A 16 -16.31 -8.12 -17.35
C ALA A 16 -15.12 -8.66 -16.57
N VAL A 17 -14.80 -9.94 -16.78
CA VAL A 17 -13.73 -10.59 -16.04
C VAL A 17 -12.38 -9.99 -16.42
N ARG A 18 -12.15 -9.79 -17.71
CA ARG A 18 -10.89 -9.18 -18.13
C ARG A 18 -10.79 -7.77 -17.60
N LYS A 19 -11.92 -7.06 -17.57
CA LYS A 19 -11.95 -5.70 -17.05
C LYS A 19 -11.68 -5.69 -15.54
N SER A 20 -12.29 -6.63 -14.82
CA SER A 20 -12.08 -6.66 -13.38
C SER A 20 -10.64 -7.00 -13.05
N ARG A 21 -10.02 -7.89 -13.83
CA ARG A 21 -8.65 -8.31 -13.52
C ARG A 21 -7.66 -7.20 -13.86
N ASP A 22 -7.88 -6.50 -14.98
CA ASP A 22 -7.04 -5.36 -15.30
C ASP A 22 -7.08 -4.31 -14.20
N LYS A 23 -8.29 -4.01 -13.71
CA LYS A 23 -8.45 -3.01 -12.66
C LYS A 23 -7.77 -3.44 -11.38
N ALA A 24 -7.87 -4.73 -11.03
CA ALA A 24 -7.25 -5.22 -9.82
C ALA A 24 -5.73 -5.12 -9.91
N LYS A 25 -5.17 -5.36 -11.09
CA LYS A 25 -3.72 -5.18 -11.24
C LYS A 25 -3.36 -3.72 -11.04
N GLN A 26 -4.14 -2.80 -11.61
CA GLN A 26 -3.83 -1.39 -11.45
C GLN A 26 -4.01 -0.93 -10.01
N ARG A 27 -5.00 -1.48 -9.30
CA ARG A 27 -5.12 -1.17 -7.87
C ARG A 27 -3.90 -1.68 -7.12
N ASN A 28 -3.38 -2.83 -7.52
CA ASN A 28 -2.23 -3.40 -6.84
C ASN A 28 -0.99 -2.53 -7.05
N VAL A 29 -0.74 -2.13 -8.30
CA VAL A 29 0.35 -1.19 -8.58
C VAL A 29 0.21 0.06 -7.73
N GLU A 30 -0.97 0.70 -7.76
CA GLU A 30 -1.14 1.98 -7.10
C GLU A 30 -0.98 1.85 -5.59
N THR A 31 -1.35 0.70 -5.03
CA THR A 31 -1.16 0.50 -3.61
C THR A 31 0.33 0.42 -3.27
N GLN A 32 1.09 -0.33 -4.06
CA GLN A 32 2.53 -0.41 -3.84
C GLN A 32 3.18 0.97 -3.96
N GLN A 33 2.74 1.76 -4.93
CA GLN A 33 3.25 3.12 -5.06
C GLN A 33 2.92 3.94 -3.83
N LYS A 34 1.71 3.75 -3.28
CA LYS A 34 1.34 4.48 -2.08
C LYS A 34 2.25 4.11 -0.91
N VAL A 35 2.63 2.84 -0.80
CA VAL A 35 3.54 2.44 0.27
C VAL A 35 4.89 3.11 0.09
N LEU A 36 5.41 3.10 -1.15
CA LEU A 36 6.64 3.83 -1.44
C LEU A 36 6.51 5.29 -1.03
N GLU A 37 5.42 5.93 -1.45
CA GLU A 37 5.22 7.36 -1.19
C GLU A 37 5.19 7.64 0.31
N LEU A 38 4.41 6.86 1.05
CA LEU A 38 4.28 7.14 2.47
C LEU A 38 5.61 6.88 3.17
N THR A 39 6.34 5.86 2.72
CA THR A 39 7.62 5.52 3.35
C THR A 39 8.61 6.66 3.17
N SER A 40 8.73 7.17 1.95
CA SER A 40 9.68 8.26 1.72
C SER A 40 9.20 9.54 2.39
N ASP A 41 7.88 9.77 2.45
CA ASP A 41 7.41 10.95 3.17
C ASP A 41 7.68 10.86 4.67
N ASN A 42 7.51 9.66 5.25
CA ASN A 42 7.80 9.55 6.67
C ASN A 42 9.28 9.75 6.96
N ASP A 43 10.16 9.32 6.05
CA ASP A 43 11.58 9.61 6.16
C ASP A 43 11.83 11.11 6.19
N ARG A 44 11.27 11.83 5.19
CA ARG A 44 11.41 13.28 5.15
C ARG A 44 10.87 13.92 6.43
N LEU A 45 9.72 13.46 6.90
CA LEU A 45 9.15 14.05 8.10
C LEU A 45 10.04 13.79 9.32
N ARG A 46 10.65 12.60 9.38
CA ARG A 46 11.52 12.31 10.52
C ARG A 46 12.77 13.18 10.51
N LYS A 47 13.39 13.40 9.35
CA LYS A 47 14.54 14.31 9.34
C LYS A 47 14.11 15.70 9.77
N ARG A 48 12.92 16.14 9.38
CA ARG A 48 12.42 17.45 9.78
C ARG A 48 12.26 17.53 11.29
N VAL A 49 11.63 16.52 11.90
CA VAL A 49 11.51 16.52 13.35
C VAL A 49 12.87 16.62 14.02
N GLU A 50 13.86 15.91 13.49
CA GLU A 50 15.15 15.93 14.17
C GLU A 50 15.87 17.25 13.94
N GLN A 51 15.73 17.86 12.77
CA GLN A 51 16.42 19.09 12.51
C GLN A 51 15.76 20.27 13.23
N LEU A 52 14.43 20.26 13.36
CA LEU A 52 13.73 21.23 14.19
C LEU A 52 14.11 21.08 15.66
N SER A 53 14.19 19.83 16.13
CA SER A 53 14.49 19.55 17.54
C SER A 53 15.89 20.02 17.91
N ARG A 54 16.87 19.77 17.04
CA ARG A 54 18.22 20.25 17.30
C ARG A 54 18.27 21.77 17.31
N GLU A 55 17.43 22.41 16.48
CA GLU A 55 17.37 23.87 16.51
C GLU A 55 16.80 24.39 17.81
N LEU A 56 15.72 23.79 18.31
CA LEU A 56 15.20 24.19 19.62
C LEU A 56 16.21 23.91 20.73
N ASP A 57 16.81 22.72 20.73
CA ASP A 57 17.85 22.41 21.73
C ASP A 57 18.97 23.44 21.69
N THR A 58 19.39 23.85 20.50
CA THR A 58 20.47 24.83 20.40
C THR A 58 20.05 26.18 20.97
N LEU A 59 18.82 26.60 20.70
CA LEU A 59 18.35 27.88 21.18
C LEU A 59 18.05 27.89 22.68
N ARG A 60 17.59 26.77 23.24
CA ARG A 60 17.26 26.70 24.66
C ARG A 60 18.34 25.89 25.38
N GLY A 61 19.39 26.56 25.82
CA GLY A 61 20.46 25.91 26.57
C GLY A 61 21.50 25.29 25.67
N ASN B 4 0.23 -42.12 -13.58
CA ASN B 4 0.95 -41.60 -14.75
C ASN B 4 1.54 -40.22 -14.47
N GLU B 5 2.54 -39.82 -15.25
CA GLU B 5 3.22 -38.54 -14.99
C GLU B 5 2.27 -37.36 -15.15
N TYR B 6 1.33 -37.42 -16.10
CA TYR B 6 0.47 -36.27 -16.34
C TYR B 6 -0.30 -35.87 -15.09
N ARG B 7 -0.98 -36.83 -14.46
CA ARG B 7 -1.85 -36.50 -13.34
C ARG B 7 -1.05 -36.00 -12.14
N VAL B 8 0.16 -36.51 -11.93
CA VAL B 8 0.96 -36.06 -10.79
C VAL B 8 1.55 -34.69 -11.06
N ARG B 9 1.95 -34.39 -12.31
CA ARG B 9 2.37 -33.04 -12.62
C ARG B 9 1.21 -32.06 -12.43
N ARG B 10 0.01 -32.45 -12.86
CA ARG B 10 -1.15 -31.55 -12.76
C ARG B 10 -1.52 -31.31 -11.31
N GLU B 11 -1.45 -32.35 -10.48
CA GLU B 11 -1.76 -32.16 -9.07
C GLU B 11 -0.70 -31.34 -8.36
N ARG B 12 0.57 -31.49 -8.75
CA ARG B 12 1.59 -30.64 -8.15
C ARG B 12 1.30 -29.18 -8.48
N ASN B 13 0.98 -28.90 -9.75
CA ASN B 13 0.69 -27.52 -10.12
C ASN B 13 -0.60 -27.03 -9.47
N ASN B 14 -1.63 -27.88 -9.40
CA ASN B 14 -2.89 -27.49 -8.76
C ASN B 14 -2.66 -27.05 -7.32
N ILE B 15 -1.76 -27.74 -6.63
CA ILE B 15 -1.38 -27.36 -5.27
C ILE B 15 -0.58 -26.05 -5.29
N ALA B 16 0.37 -25.93 -6.22
CA ALA B 16 1.16 -24.71 -6.28
C ALA B 16 0.30 -23.49 -6.64
N VAL B 17 -0.69 -23.66 -7.51
CA VAL B 17 -1.50 -22.50 -7.88
C VAL B 17 -2.31 -22.03 -6.67
N ARG B 18 -2.91 -22.96 -5.93
CA ARG B 18 -3.62 -22.58 -4.70
C ARG B 18 -2.70 -21.85 -3.75
N LYS B 19 -1.52 -22.43 -3.50
CA LYS B 19 -0.57 -21.83 -2.58
C LYS B 19 -0.17 -20.43 -3.04
N SER B 20 0.07 -20.26 -4.33
CA SER B 20 0.43 -18.94 -4.82
C SER B 20 -0.70 -17.94 -4.57
N ARG B 21 -1.95 -18.38 -4.74
CA ARG B 21 -3.07 -17.47 -4.60
C ARG B 21 -3.31 -17.09 -3.15
N ASP B 22 -3.26 -18.07 -2.24
CA ASP B 22 -3.35 -17.78 -0.82
C ASP B 22 -2.25 -16.81 -0.39
N LYS B 23 -1.05 -16.99 -0.93
CA LYS B 23 0.09 -16.14 -0.55
C LYS B 23 -0.12 -14.72 -1.07
N ALA B 24 -0.64 -14.58 -2.28
CA ALA B 24 -0.91 -13.23 -2.79
C ALA B 24 -2.03 -12.56 -2.02
N LYS B 25 -3.02 -13.34 -1.56
CA LYS B 25 -4.04 -12.77 -0.68
C LYS B 25 -3.42 -12.27 0.63
N GLN B 26 -2.49 -13.05 1.18
CA GLN B 26 -1.78 -12.67 2.40
C GLN B 26 -1.01 -11.36 2.21
N ARG B 27 -0.23 -11.28 1.13
CA ARG B 27 0.55 -10.06 0.89
C ARG B 27 -0.35 -8.84 0.73
N ASN B 28 -1.53 -9.02 0.14
CA ASN B 28 -2.44 -7.89 -0.02
C ASN B 28 -2.95 -7.39 1.35
N VAL B 29 -3.35 -8.31 2.22
CA VAL B 29 -3.73 -7.90 3.57
C VAL B 29 -2.57 -7.18 4.26
N GLU B 30 -1.37 -7.77 4.18
CA GLU B 30 -0.22 -7.15 4.81
C GLU B 30 0.06 -5.77 4.21
N THR B 31 -0.06 -5.64 2.89
CA THR B 31 0.17 -4.33 2.27
C THR B 31 -0.85 -3.29 2.74
N GLN B 32 -2.12 -3.67 2.90
CA GLN B 32 -3.10 -2.70 3.38
C GLN B 32 -2.85 -2.34 4.83
N GLN B 33 -2.48 -3.32 5.66
CA GLN B 33 -2.03 -3.00 7.01
C GLN B 33 -0.94 -1.95 6.96
N LYS B 34 0.08 -2.19 6.12
CA LYS B 34 1.21 -1.28 6.01
C LYS B 34 0.77 0.13 5.64
N VAL B 35 -0.19 0.26 4.72
CA VAL B 35 -0.68 1.59 4.36
C VAL B 35 -1.34 2.25 5.56
N LEU B 36 -2.02 1.46 6.40
CA LEU B 36 -2.70 2.04 7.54
C LEU B 36 -1.70 2.49 8.60
N GLU B 37 -0.66 1.68 8.86
CA GLU B 37 0.35 2.08 9.83
C GLU B 37 1.16 3.28 9.34
N LEU B 38 1.59 3.25 8.09
CA LEU B 38 2.37 4.37 7.58
C LEU B 38 1.55 5.66 7.56
N THR B 39 0.23 5.57 7.36
CA THR B 39 -0.58 6.78 7.29
C THR B 39 -0.80 7.40 8.66
N SER B 40 -0.99 6.59 9.71
CA SER B 40 -1.10 7.22 11.01
C SER B 40 0.25 7.71 11.52
N ASP B 41 1.34 7.00 11.18
CA ASP B 41 2.67 7.52 11.47
C ASP B 41 2.89 8.86 10.79
N ASN B 42 2.52 8.94 9.51
CA ASN B 42 2.62 10.19 8.76
C ASN B 42 1.86 11.31 9.45
N ASP B 43 0.66 11.02 9.95
CA ASP B 43 -0.14 12.06 10.57
C ASP B 43 0.45 12.50 11.91
N ARG B 44 1.01 11.54 12.67
CA ARG B 44 1.66 11.91 13.92
C ARG B 44 2.93 12.71 13.67
N LEU B 45 3.69 12.37 12.62
CA LEU B 45 4.90 13.14 12.34
C LEU B 45 4.55 14.55 11.91
N ARG B 46 3.45 14.71 11.17
CA ARG B 46 3.03 16.04 10.76
C ARG B 46 2.59 16.87 11.96
N LYS B 47 1.90 16.26 12.93
CA LYS B 47 1.54 16.99 14.13
C LYS B 47 2.79 17.45 14.88
N ARG B 48 3.82 16.61 14.92
CA ARG B 48 5.06 16.95 15.59
C ARG B 48 5.76 18.12 14.91
N VAL B 49 5.83 18.07 13.58
CA VAL B 49 6.50 19.13 12.84
C VAL B 49 5.78 20.46 13.06
N GLU B 50 4.44 20.43 12.95
CA GLU B 50 3.66 21.64 13.17
C GLU B 50 3.89 22.20 14.56
N GLN B 51 3.90 21.32 15.57
CA GLN B 51 4.08 21.78 16.94
C GLN B 51 5.49 22.33 17.16
N LEU B 52 6.50 21.69 16.58
CA LEU B 52 7.88 22.15 16.73
C LEU B 52 8.11 23.45 15.95
N SER B 53 7.57 23.52 14.74
CA SER B 53 7.67 24.76 13.95
C SER B 53 7.03 25.93 14.70
N ARG B 54 5.88 25.69 15.32
CA ARG B 54 5.18 26.76 16.03
C ARG B 54 6.00 27.25 17.21
N GLU B 55 6.67 26.35 17.95
CA GLU B 55 7.53 26.77 19.04
C GLU B 55 8.68 27.63 18.54
N LEU B 56 9.38 27.17 17.50
CA LEU B 56 10.42 27.96 16.86
C LEU B 56 9.92 29.34 16.45
N ASP B 57 8.70 29.40 15.91
CA ASP B 57 8.19 30.64 15.35
C ASP B 57 7.75 31.63 16.41
N THR B 58 7.51 31.19 17.65
CA THR B 58 7.00 32.06 18.70
C THR B 58 7.90 32.16 19.92
N LEU B 59 9.04 31.47 19.93
CA LEU B 59 10.02 31.60 21.02
C LEU B 59 10.36 33.06 21.28
N ARG B 60 10.43 33.42 22.56
CA ARG B 60 10.70 34.80 22.94
C ARG B 60 12.05 34.96 23.65
N GLY B 61 12.93 33.97 23.56
CA GLY B 61 14.23 34.07 24.21
C GLY B 61 14.87 32.71 24.51
C1 GOL E . 7.81 19.06 5.42
O1 GOL E . 8.97 19.65 5.97
C2 GOL E . 8.28 17.95 4.43
O2 GOL E . 9.26 17.16 4.97
C3 GOL E . 7.01 17.12 4.07
O3 GOL E . 7.43 16.03 3.27
C1 GOL F . -16.91 -17.04 -26.92
O1 GOL F . -17.38 -16.33 -25.79
C2 GOL F . -15.34 -17.18 -26.87
O2 GOL F . -14.67 -15.96 -26.76
C3 GOL F . -15.03 -18.16 -25.70
O3 GOL F . -13.72 -18.64 -25.94
#